data_6JD8
#
_entry.id   6JD8
#
_cell.length_a   42.220
_cell.length_b   67.584
_cell.length_c   103.239
_cell.angle_alpha   90.000
_cell.angle_beta   90.000
_cell.angle_gamma   90.000
#
_symmetry.space_group_name_H-M   'P 21 21 21'
#
loop_
_entity.id
_entity.type
_entity.pdbx_description
1 polymer 'Cathepsin L1'
2 non-polymer GLYCEROL
3 non-polymer ETHANOL
4 non-polymer DI(HYDROXYETHYL)ETHER
5 non-polymer 1,2-ETHANEDIOL
6 non-polymer 'TRIETHYLENE GLYCOL'
7 water water
#
_entity_poly.entity_id   1
_entity_poly.type   'polypeptide(L)'
_entity_poly.pdbx_seq_one_letter_code
;MHHHHHHSSGLVPRGSGMKETAAAKFERQHMDSPDLGTDDDDKMTLTFDHSLEAQWTKWKAMHNRLYGMNEEGWRRAVWE
KNMKMIELHNQEYREGKHSFTMAMNAFGDMTSEEFRQVMNGFQNRKPRKGKVFQEPLFYEAPRSVDWREKGYVTPVKNQG
QCGSSWAFSATGALEGQMFRKTGRLISLSEQNLVDCSGPQGNEGCNGGYMDYAFQYVQDNGGLDSEESYPYEATEESCKY
NPKYSVANDTGFVDIPKQEKALMKAVATVGPISVAIDAGHESFLFYKEGIYFEPDCSSEDLDHAVLVVGYGFESTESDNN
KYWLVKNSWGEEWGMGGYVKMAKDRRNHCGIASLASYPTV
;
_entity_poly.pdbx_strand_id   A
#
loop_
_chem_comp.id
_chem_comp.type
_chem_comp.name
_chem_comp.formula
EDO non-polymer 1,2-ETHANEDIOL 'C2 H6 O2'
EOH non-polymer ETHANOL 'C2 H6 O'
GOL non-polymer GLYCEROL 'C3 H8 O3'
PEG non-polymer DI(HYDROXYETHYL)ETHER 'C4 H10 O3'
PGE non-polymer 'TRIETHYLENE GLYCOL' 'C6 H14 O4'
#
# COMPACT_ATOMS: atom_id res chain seq x y z
N MET A 44 18.93 19.44 27.62
CA MET A 44 18.16 18.93 28.76
C MET A 44 17.10 17.95 28.30
N THR A 45 16.69 17.06 29.20
CA THR A 45 15.64 16.09 28.89
C THR A 45 14.31 16.80 28.74
N LEU A 46 13.83 16.89 27.49
CA LEU A 46 12.56 17.52 27.16
C LEU A 46 11.39 16.70 27.68
N THR A 47 10.95 16.99 28.90
CA THR A 47 9.83 16.32 29.57
C THR A 47 9.46 14.97 28.95
N PHE A 48 10.28 13.95 29.20
CA PHE A 48 10.03 12.60 28.70
C PHE A 48 9.39 11.74 29.78
N ASP A 49 8.69 10.70 29.33
CA ASP A 49 8.13 9.68 30.21
C ASP A 49 9.22 8.69 30.58
N HIS A 50 9.68 8.76 31.84
CA HIS A 50 10.75 7.89 32.30
C HIS A 50 10.42 6.41 32.10
N SER A 51 9.15 6.02 32.20
CA SER A 51 8.77 4.62 32.08
CA SER A 51 8.78 4.62 32.09
C SER A 51 8.94 4.07 30.67
N LEU A 52 9.19 4.92 29.69
CA LEU A 52 9.34 4.49 28.29
C LEU A 52 10.80 4.45 27.84
N GLU A 53 11.75 4.72 28.74
CA GLU A 53 13.16 4.81 28.33
C GLU A 53 13.65 3.51 27.70
N ALA A 54 13.46 2.38 28.39
CA ALA A 54 13.91 1.11 27.85
C ALA A 54 13.26 0.82 26.50
N GLN A 55 11.96 1.06 26.39
CA GLN A 55 11.27 0.81 25.12
CA GLN A 55 11.26 0.82 25.13
C GLN A 55 11.84 1.69 24.01
N TRP A 56 12.14 2.94 24.34
CA TRP A 56 12.72 3.87 23.37
C TRP A 56 14.10 3.42 22.93
N THR A 57 14.94 3.01 23.87
CA THR A 57 16.25 2.49 23.52
C THR A 57 16.13 1.26 22.63
N LYS A 58 15.18 0.38 22.93
CA LYS A 58 15.00 -0.82 22.13
C LYS A 58 14.43 -0.48 20.76
N TRP A 59 13.56 0.52 20.71
CA TRP A 59 12.92 0.86 19.43
C TRP A 59 13.95 1.41 18.45
N LYS A 60 14.82 2.29 18.94
CA LYS A 60 15.88 2.86 18.12
C LYS A 60 16.76 1.77 17.54
N ALA A 61 17.16 0.80 18.35
CA ALA A 61 18.01 -0.29 17.88
C ALA A 61 17.28 -1.13 16.85
N MET A 62 16.04 -1.54 17.17
CA MET A 62 15.23 -2.33 16.23
C MET A 62 15.14 -1.67 14.87
N HIS A 63 15.09 -0.34 14.84
CA HIS A 63 14.91 0.41 13.61
C HIS A 63 16.17 1.11 13.15
N ASN A 64 17.32 0.72 13.68
CA ASN A 64 18.62 1.15 13.18
C ASN A 64 18.70 2.67 13.07
N ARG A 65 18.25 3.34 14.14
CA ARG A 65 18.34 4.78 14.20
C ARG A 65 19.70 5.18 14.76
N LEU A 66 20.37 6.11 14.08
CA LEU A 66 21.63 6.67 14.54
C LEU A 66 21.49 8.18 14.35
N TYR A 67 21.15 8.87 15.43
CA TYR A 67 20.71 10.23 15.36
C TYR A 67 21.88 11.20 15.43
N GLY A 68 21.72 12.35 14.77
CA GLY A 68 22.76 13.35 14.70
C GLY A 68 22.82 14.20 15.94
N MET A 69 23.62 15.26 15.85
CA MET A 69 23.86 16.14 16.98
C MET A 69 22.56 16.80 17.42
N ASN A 70 22.23 16.63 18.69
CA ASN A 70 21.02 17.23 19.28
C ASN A 70 19.74 16.74 18.60
N GLU A 71 19.80 15.58 17.94
CA GLU A 71 18.60 15.06 17.26
C GLU A 71 17.82 14.11 18.15
N GLU A 72 18.46 13.40 19.08
CA GLU A 72 17.76 12.34 19.78
C GLU A 72 16.59 12.88 20.60
N GLY A 73 16.75 14.07 21.18
CA GLY A 73 15.73 14.57 22.09
C GLY A 73 14.41 14.82 21.42
N TRP A 74 14.41 15.60 20.34
CA TRP A 74 13.15 15.92 19.69
C TRP A 74 12.54 14.71 18.99
N ARG A 75 13.39 13.79 18.51
CA ARG A 75 12.90 12.53 17.95
C ARG A 75 12.16 11.71 19.00
N ARG A 76 12.77 11.49 20.16
CA ARG A 76 12.07 10.83 21.26
C ARG A 76 10.75 11.51 21.59
N ALA A 77 10.70 12.85 21.51
CA ALA A 77 9.47 13.56 21.79
C ALA A 77 8.40 13.21 20.77
N VAL A 78 8.76 13.19 19.47
CA VAL A 78 7.83 12.72 18.44
C VAL A 78 7.32 11.33 18.77
N TRP A 79 8.24 10.44 19.15
CA TRP A 79 7.90 9.06 19.43
C TRP A 79 6.94 8.95 20.61
N GLU A 80 7.18 9.71 21.69
CA GLU A 80 6.31 9.61 22.86
C GLU A 80 4.93 10.16 22.58
N LYS A 81 4.86 11.24 21.79
CA LYS A 81 3.56 11.77 21.38
C LYS A 81 2.80 10.74 20.56
N ASN A 82 3.50 10.02 19.68
CA ASN A 82 2.81 8.98 18.93
C ASN A 82 2.38 7.83 19.84
N MET A 83 3.24 7.45 20.78
CA MET A 83 2.87 6.42 21.76
C MET A 83 1.58 6.81 22.50
N LYS A 84 1.51 8.05 22.99
CA LYS A 84 0.32 8.50 23.72
CA LYS A 84 0.33 8.50 23.72
C LYS A 84 -0.91 8.47 22.82
N MET A 85 -0.73 8.85 21.56
CA MET A 85 -1.83 8.84 20.60
CA MET A 85 -1.84 8.84 20.62
C MET A 85 -2.32 7.42 20.35
N ILE A 86 -1.37 6.48 20.18
CA ILE A 86 -1.72 5.07 19.98
C ILE A 86 -2.46 4.53 21.21
N GLU A 87 -1.93 4.81 22.40
CA GLU A 87 -2.53 4.30 23.63
C GLU A 87 -3.92 4.87 23.86
N LEU A 88 -4.13 6.15 23.53
CA LEU A 88 -5.45 6.73 23.67
C LEU A 88 -6.42 6.06 22.72
N HIS A 89 -6.01 5.91 21.47
CA HIS A 89 -6.89 5.27 20.51
C HIS A 89 -7.26 3.89 20.99
N ASN A 90 -6.28 3.11 21.43
CA ASN A 90 -6.56 1.74 21.82
C ASN A 90 -7.44 1.66 23.06
N GLN A 91 -7.27 2.59 23.99
CA GLN A 91 -8.19 2.67 25.12
C GLN A 91 -9.59 2.97 24.64
N GLU A 92 -9.73 3.95 23.73
CA GLU A 92 -11.02 4.22 23.11
C GLU A 92 -11.57 2.99 22.41
N TYR A 93 -10.72 2.20 21.78
CA TYR A 93 -11.17 0.95 21.19
C TYR A 93 -11.75 0.01 22.23
N ARG A 94 -11.10 -0.09 23.39
CA ARG A 94 -11.63 -0.90 24.49
C ARG A 94 -13.00 -0.41 24.91
N GLU A 95 -13.24 0.89 24.84
CA GLU A 95 -14.51 1.50 25.18
C GLU A 95 -15.52 1.48 24.03
N GLY A 96 -15.21 0.79 22.94
CA GLY A 96 -16.15 0.54 21.85
C GLY A 96 -16.22 1.59 20.76
N LYS A 97 -15.25 2.50 20.70
CA LYS A 97 -15.30 3.70 19.86
C LYS A 97 -14.61 3.53 18.51
N HIS A 98 -13.92 2.42 18.27
CA HIS A 98 -13.26 2.20 16.99
C HIS A 98 -13.39 0.75 16.60
N SER A 99 -13.23 0.49 15.31
CA SER A 99 -13.27 -0.86 14.78
C SER A 99 -11.88 -1.46 14.58
N PHE A 100 -10.83 -0.75 14.98
CA PHE A 100 -9.47 -1.24 14.76
C PHE A 100 -8.56 -0.70 15.85
N THR A 101 -7.41 -1.34 16.00
CA THR A 101 -6.37 -0.93 16.93
C THR A 101 -5.15 -0.41 16.18
N MET A 102 -4.29 0.26 16.91
CA MET A 102 -3.06 0.81 16.38
C MET A 102 -1.88 0.25 17.17
N ALA A 103 -0.68 0.38 16.61
CA ALA A 103 0.53 -0.09 17.27
C ALA A 103 1.72 0.72 16.79
N MET A 104 2.68 0.92 17.69
CA MET A 104 3.92 1.58 17.31
C MET A 104 4.64 0.72 16.27
N ASN A 105 5.33 1.37 15.35
CA ASN A 105 6.02 0.72 14.24
C ASN A 105 7.20 1.61 13.85
N ALA A 106 7.76 1.34 12.67
CA ALA A 106 8.95 2.03 12.24
C ALA A 106 8.72 3.49 11.89
N PHE A 107 7.48 3.96 11.85
CA PHE A 107 7.15 5.36 11.60
C PHE A 107 7.11 6.20 12.88
N GLY A 108 7.40 5.59 14.03
CA GLY A 108 7.15 6.27 15.31
C GLY A 108 7.87 7.59 15.53
N ASP A 109 9.06 7.77 14.94
CA ASP A 109 9.83 8.99 15.10
C ASP A 109 9.68 9.99 13.96
N MET A 110 8.82 9.75 12.99
CA MET A 110 8.81 10.56 11.78
C MET A 110 7.97 11.82 11.94
N THR A 111 8.49 12.92 11.40
CA THR A 111 7.72 14.16 11.30
C THR A 111 6.69 14.04 10.19
N SER A 112 5.59 14.77 10.34
CA SER A 112 4.60 14.81 9.26
C SER A 112 5.27 15.15 7.94
N GLU A 113 6.30 15.99 7.96
CA GLU A 113 6.98 16.37 6.73
C GLU A 113 7.71 15.19 6.11
N GLU A 114 8.40 14.39 6.93
CA GLU A 114 9.02 13.17 6.42
C GLU A 114 7.98 12.20 5.90
N PHE A 115 6.84 12.13 6.59
CA PHE A 115 5.72 11.31 6.18
C PHE A 115 5.17 11.74 4.82
N ARG A 116 5.22 13.05 4.52
CA ARG A 116 4.85 13.53 3.19
C ARG A 116 5.81 13.03 2.12
N GLN A 117 7.08 12.79 2.47
CA GLN A 117 8.01 12.24 1.50
C GLN A 117 7.63 10.82 1.11
N VAL A 118 7.10 10.06 2.07
CA VAL A 118 6.75 8.68 1.81
C VAL A 118 5.38 8.54 1.17
N MET A 119 4.53 9.59 1.17
CA MET A 119 3.17 9.46 0.66
CA MET A 119 3.17 9.46 0.66
C MET A 119 3.05 9.90 -0.80
N ASN A 120 2.77 11.19 -1.04
CA ASN A 120 2.60 11.69 -2.41
C ASN A 120 1.24 11.32 -3.01
N GLY A 121 0.47 12.35 -3.46
CA GLY A 121 -0.92 12.18 -3.83
C GLY A 121 -1.17 11.81 -5.28
N PHE A 122 -2.38 11.33 -5.56
CA PHE A 122 -2.79 10.88 -6.89
C PHE A 122 -3.92 11.76 -7.40
N GLN A 123 -3.90 12.05 -8.70
CA GLN A 123 -4.99 12.81 -9.34
C GLN A 123 -6.24 11.95 -9.53
N LYS A 126 -6.49 13.42 -14.30
CA LYS A 126 -5.77 12.83 -15.42
C LYS A 126 -6.71 11.95 -16.25
N PRO A 127 -6.47 11.86 -17.56
CA PRO A 127 -7.37 11.07 -18.41
C PRO A 127 -7.34 9.58 -18.09
N ARG A 128 -8.49 8.95 -18.25
CA ARG A 128 -8.67 7.52 -18.01
C ARG A 128 -8.53 6.81 -19.36
N LYS A 129 -7.38 6.19 -19.59
CA LYS A 129 -7.00 5.76 -20.94
C LYS A 129 -7.09 4.26 -21.18
N GLY A 130 -7.36 3.46 -20.15
CA GLY A 130 -7.39 2.02 -20.33
C GLY A 130 -8.56 1.53 -21.16
N LYS A 131 -8.52 0.23 -21.43
CA LYS A 131 -9.66 -0.44 -22.01
C LYS A 131 -10.84 -0.40 -21.03
N VAL A 132 -12.03 -0.61 -21.59
CA VAL A 132 -13.26 -0.50 -20.81
C VAL A 132 -13.50 -1.80 -20.05
N PHE A 133 -13.69 -1.68 -18.74
CA PHE A 133 -14.06 -2.82 -17.93
C PHE A 133 -15.43 -3.30 -18.36
N GLN A 134 -15.54 -4.58 -18.64
CA GLN A 134 -16.78 -5.17 -19.12
C GLN A 134 -17.42 -5.88 -17.93
N GLU A 135 -18.46 -5.27 -17.38
CA GLU A 135 -19.12 -5.85 -16.22
C GLU A 135 -19.44 -7.32 -16.49
N PRO A 136 -19.22 -8.23 -15.53
CA PRO A 136 -19.57 -9.63 -15.77
C PRO A 136 -21.09 -9.80 -15.73
N LEU A 137 -21.63 -10.44 -16.77
CA LEU A 137 -23.08 -10.51 -16.94
C LEU A 137 -23.65 -11.82 -16.41
N PHE A 138 -24.88 -11.75 -15.90
CA PHE A 138 -25.53 -12.86 -15.23
C PHE A 138 -24.57 -13.49 -14.21
N TYR A 139 -24.07 -12.64 -13.31
CA TYR A 139 -22.98 -13.03 -12.43
C TYR A 139 -23.18 -12.40 -11.05
N GLU A 140 -23.08 -13.22 -10.02
CA GLU A 140 -23.00 -12.72 -8.65
C GLU A 140 -21.68 -13.16 -8.05
N ALA A 141 -20.93 -12.21 -7.52
CA ALA A 141 -19.63 -12.54 -6.98
C ALA A 141 -19.78 -13.30 -5.67
N PRO A 142 -18.77 -14.08 -5.29
CA PRO A 142 -18.82 -14.77 -4.01
C PRO A 142 -18.89 -13.75 -2.90
N ARG A 143 -19.26 -14.23 -1.72
CA ARG A 143 -19.36 -13.37 -0.55
C ARG A 143 -17.99 -13.01 0.02
N SER A 144 -16.97 -13.82 -0.24
CA SER A 144 -15.61 -13.52 0.16
C SER A 144 -14.65 -14.01 -0.91
N VAL A 145 -13.55 -13.28 -1.06
CA VAL A 145 -12.50 -13.61 -2.02
C VAL A 145 -11.18 -13.41 -1.31
N ASP A 146 -10.19 -14.27 -1.60
CA ASP A 146 -8.86 -14.06 -1.05
C ASP A 146 -7.88 -14.73 -2.01
N TRP A 147 -7.32 -13.93 -2.90
CA TRP A 147 -6.41 -14.43 -3.92
C TRP A 147 -5.11 -14.98 -3.33
N ARG A 148 -4.72 -14.58 -2.12
CA ARG A 148 -3.55 -15.20 -1.50
C ARG A 148 -3.71 -16.71 -1.42
N GLU A 149 -4.93 -17.18 -1.19
CA GLU A 149 -5.16 -18.61 -0.99
C GLU A 149 -5.01 -19.40 -2.29
N LYS A 150 -4.99 -18.73 -3.44
CA LYS A 150 -4.84 -19.41 -4.71
C LYS A 150 -3.47 -19.15 -5.37
N GLY A 151 -2.55 -18.51 -4.66
CA GLY A 151 -1.17 -18.37 -5.09
C GLY A 151 -0.89 -17.16 -5.95
N TYR A 152 -1.78 -16.18 -6.00
CA TYR A 152 -1.61 -15.03 -6.87
C TYR A 152 -0.73 -13.93 -6.27
N VAL A 153 -0.33 -14.04 -5.01
CA VAL A 153 0.21 -12.91 -4.25
C VAL A 153 1.59 -13.26 -3.70
N THR A 154 2.56 -12.39 -3.96
CA THR A 154 3.91 -12.55 -3.44
C THR A 154 3.94 -12.07 -2.00
N PRO A 155 5.00 -12.36 -1.26
CA PRO A 155 5.11 -11.85 0.11
C PRO A 155 5.12 -10.33 0.15
N VAL A 156 4.85 -9.81 1.34
CA VAL A 156 4.76 -8.37 1.53
C VAL A 156 6.14 -7.76 1.41
N LYS A 157 6.21 -6.59 0.76
CA LYS A 157 7.45 -5.89 0.50
C LYS A 157 7.45 -4.57 1.27
N ASN A 158 8.56 -3.83 1.18
CA ASN A 158 8.68 -2.58 1.92
C ASN A 158 9.30 -1.52 1.02
N GLN A 159 8.53 -0.48 0.75
CA GLN A 159 8.98 0.62 -0.08
C GLN A 159 10.06 1.46 0.57
N GLY A 160 10.16 1.46 1.91
CA GLY A 160 11.21 2.23 2.53
C GLY A 160 10.87 3.71 2.46
N GLN A 161 11.92 4.53 2.49
CA GLN A 161 11.74 5.97 2.60
C GLN A 161 11.80 6.57 1.21
N CYS A 162 10.78 6.20 0.43
CA CYS A 162 10.70 6.55 -0.99
C CYS A 162 9.23 6.49 -1.36
N GLY A 163 8.75 7.50 -2.07
CA GLY A 163 7.36 7.56 -2.48
C GLY A 163 7.04 6.72 -3.71
N SER A 164 7.14 5.40 -3.58
CA SER A 164 7.07 4.47 -4.72
C SER A 164 5.95 3.46 -4.57
N SER A 165 4.93 3.77 -3.75
CA SER A 165 3.88 2.77 -3.57
C SER A 165 3.19 2.47 -4.88
N TRP A 166 3.12 3.46 -5.78
CA TRP A 166 2.57 3.24 -7.11
C TRP A 166 3.25 2.07 -7.80
N ALA A 167 4.58 1.91 -7.60
CA ALA A 167 5.31 0.81 -8.24
C ALA A 167 4.97 -0.53 -7.58
N PHE A 168 4.80 -0.52 -6.27
CA PHE A 168 4.43 -1.74 -5.56
C PHE A 168 3.02 -2.18 -5.90
N SER A 169 2.11 -1.22 -6.02
CA SER A 169 0.75 -1.55 -6.42
C SER A 169 0.75 -2.15 -7.81
N ALA A 170 1.54 -1.56 -8.71
CA ALA A 170 1.54 -2.04 -10.10
C ALA A 170 2.15 -3.43 -10.21
N THR A 171 3.31 -3.64 -9.59
CA THR A 171 3.92 -4.97 -9.62
C THR A 171 3.00 -6.02 -9.02
N GLY A 172 2.28 -5.68 -7.95
CA GLY A 172 1.40 -6.67 -7.36
C GLY A 172 0.29 -7.08 -8.33
N ALA A 173 -0.26 -6.11 -9.03
CA ALA A 173 -1.33 -6.44 -9.96
C ALA A 173 -0.80 -7.26 -11.12
N LEU A 174 0.40 -6.92 -11.60
CA LEU A 174 0.98 -7.64 -12.73
C LEU A 174 1.46 -9.02 -12.29
N GLU A 175 1.99 -9.14 -11.08
CA GLU A 175 2.28 -10.46 -10.52
C GLU A 175 1.03 -11.34 -10.57
N GLY A 176 -0.11 -10.76 -10.21
CA GLY A 176 -1.33 -11.54 -10.17
C GLY A 176 -1.75 -12.01 -11.54
N GLN A 177 -1.67 -11.13 -12.55
CA GLN A 177 -2.12 -11.51 -13.89
C GLN A 177 -1.18 -12.49 -14.54
N MET A 178 0.13 -12.29 -14.39
CA MET A 178 1.07 -13.29 -14.90
CA MET A 178 1.08 -13.28 -14.89
C MET A 178 0.78 -14.65 -14.30
N PHE A 179 0.40 -14.71 -13.03
CA PHE A 179 0.10 -15.99 -12.41
C PHE A 179 -1.20 -16.55 -12.96
N ARG A 180 -2.20 -15.69 -13.14
CA ARG A 180 -3.45 -16.13 -13.74
C ARG A 180 -3.16 -16.80 -15.08
N LYS A 181 -2.32 -16.16 -15.88
CA LYS A 181 -2.10 -16.61 -17.24
C LYS A 181 -1.22 -17.86 -17.32
N THR A 182 -0.17 -17.96 -16.49
CA THR A 182 0.84 -19.01 -16.62
C THR A 182 0.88 -20.01 -15.48
N GLY A 183 0.28 -19.70 -14.33
CA GLY A 183 0.43 -20.51 -13.15
C GLY A 183 1.77 -20.36 -12.45
N ARG A 184 2.57 -19.36 -12.83
CA ARG A 184 3.88 -19.16 -12.25
C ARG A 184 3.92 -17.79 -11.58
N LEU A 185 4.33 -17.77 -10.32
CA LEU A 185 4.42 -16.55 -9.54
C LEU A 185 5.88 -16.12 -9.41
N ILE A 186 6.19 -14.95 -9.96
CA ILE A 186 7.52 -14.36 -9.83
C ILE A 186 7.40 -12.92 -9.36
N SER A 187 8.14 -12.59 -8.31
CA SER A 187 8.14 -11.23 -7.82
CA SER A 187 8.14 -11.23 -7.82
C SER A 187 8.84 -10.33 -8.83
N LEU A 188 8.24 -9.19 -9.10
CA LEU A 188 8.67 -8.27 -10.13
C LEU A 188 9.35 -7.04 -9.50
N SER A 189 10.15 -6.36 -10.32
CA SER A 189 11.04 -5.32 -9.84
C SER A 189 10.34 -3.97 -9.80
N GLU A 190 10.08 -3.47 -8.59
CA GLU A 190 9.68 -2.08 -8.48
C GLU A 190 10.80 -1.13 -8.86
N GLN A 191 12.06 -1.50 -8.58
CA GLN A 191 13.16 -0.60 -8.89
C GLN A 191 13.22 -0.31 -10.38
N ASN A 192 12.92 -1.33 -11.19
CA ASN A 192 12.83 -1.19 -12.64
C ASN A 192 11.81 -0.12 -13.01
N LEU A 193 10.65 -0.10 -12.32
CA LEU A 193 9.66 0.94 -12.57
C LEU A 193 10.13 2.29 -12.11
N VAL A 194 10.71 2.35 -10.90
CA VAL A 194 11.15 3.61 -10.32
C VAL A 194 12.19 4.28 -11.20
N ASP A 195 13.16 3.50 -11.66
CA ASP A 195 14.28 4.04 -12.42
C ASP A 195 13.95 4.34 -13.87
N CYS A 196 12.94 3.68 -14.46
CA CYS A 196 12.83 3.62 -15.91
CA CYS A 196 12.83 3.62 -15.91
C CYS A 196 11.55 4.23 -16.48
N SER A 197 10.50 4.42 -15.69
CA SER A 197 9.21 4.82 -16.25
C SER A 197 8.96 6.33 -16.19
N GLY A 198 10.03 7.12 -16.11
CA GLY A 198 9.93 8.55 -16.20
C GLY A 198 9.23 9.01 -17.47
N PRO A 199 9.65 8.49 -18.62
CA PRO A 199 9.03 8.94 -19.87
C PRO A 199 7.53 8.80 -19.84
N GLN A 200 7.02 7.74 -19.22
CA GLN A 200 5.58 7.51 -19.13
C GLN A 200 4.86 8.45 -18.17
N GLY A 201 5.60 9.25 -17.40
CA GLY A 201 4.98 10.20 -16.49
C GLY A 201 5.25 9.94 -15.03
N ASN A 202 6.00 8.91 -14.68
CA ASN A 202 6.27 8.67 -13.27
C ASN A 202 7.45 9.51 -12.82
N GLU A 203 7.59 9.65 -11.49
CA GLU A 203 8.53 10.56 -10.85
C GLU A 203 9.31 9.87 -9.76
N GLY A 204 9.60 8.58 -9.97
CA GLY A 204 10.48 7.86 -9.06
C GLY A 204 9.95 7.86 -7.65
N CYS A 205 10.80 8.27 -6.70
CA CYS A 205 10.42 8.34 -5.30
C CYS A 205 9.57 9.56 -4.96
N ASN A 206 9.27 10.43 -5.94
CA ASN A 206 8.34 11.52 -5.75
C ASN A 206 6.93 11.19 -6.26
N GLY A 207 6.66 9.93 -6.57
CA GLY A 207 5.33 9.53 -6.95
C GLY A 207 5.23 9.10 -8.40
N GLY A 208 4.02 8.70 -8.76
CA GLY A 208 3.75 8.04 -10.03
C GLY A 208 2.36 7.45 -10.00
N TYR A 209 2.02 6.74 -11.08
CA TYR A 209 0.69 6.19 -11.26
C TYR A 209 0.79 4.78 -11.81
N MET A 210 -0.10 3.90 -11.33
CA MET A 210 -0.05 2.51 -11.75
C MET A 210 -0.25 2.36 -13.27
N ASP A 211 -1.21 3.07 -13.85
CA ASP A 211 -1.42 2.96 -15.29
C ASP A 211 -0.21 3.42 -16.07
N TYR A 212 0.57 4.38 -15.54
CA TYR A 212 1.81 4.76 -16.21
C TYR A 212 2.81 3.61 -16.16
N ALA A 213 2.87 2.91 -15.01
CA ALA A 213 3.74 1.74 -14.90
C ALA A 213 3.32 0.65 -15.89
N PHE A 214 2.01 0.38 -15.99
CA PHE A 214 1.53 -0.62 -16.94
C PHE A 214 1.86 -0.20 -18.37
N GLN A 215 1.72 1.09 -18.66
CA GLN A 215 2.11 1.63 -19.96
C GLN A 215 3.60 1.41 -20.25
N TYR A 216 4.46 1.75 -19.30
CA TYR A 216 5.88 1.49 -19.47
C TYR A 216 6.16 0.03 -19.81
N VAL A 217 5.49 -0.89 -19.15
CA VAL A 217 5.79 -2.29 -19.36
C VAL A 217 5.47 -2.69 -20.79
N GLN A 218 4.37 -2.16 -21.32
CA GLN A 218 4.01 -2.39 -22.70
C GLN A 218 5.04 -1.77 -23.63
N ASP A 219 5.30 -0.48 -23.46
CA ASP A 219 6.27 0.23 -24.29
C ASP A 219 7.63 -0.46 -24.26
N ASN A 220 8.05 -0.88 -23.08
CA ASN A 220 9.36 -1.47 -22.89
C ASN A 220 9.48 -2.90 -23.39
N GLY A 221 8.36 -3.59 -23.57
CA GLY A 221 8.40 -4.98 -23.96
C GLY A 221 8.81 -5.94 -22.88
N GLY A 222 8.77 -5.53 -21.62
CA GLY A 222 9.11 -6.44 -20.54
C GLY A 222 9.34 -5.70 -19.26
N LEU A 223 9.51 -6.48 -18.20
CA LEU A 223 9.83 -6.00 -16.87
C LEU A 223 10.67 -7.06 -16.17
N ASP A 224 11.75 -6.64 -15.51
CA ASP A 224 12.65 -7.60 -14.89
C ASP A 224 12.07 -8.12 -13.58
N SER A 225 12.55 -9.29 -13.18
CA SER A 225 12.23 -9.83 -11.88
C SER A 225 12.85 -8.99 -10.78
N GLU A 226 12.25 -9.11 -9.60
CA GLU A 226 12.83 -8.49 -8.41
C GLU A 226 14.25 -8.98 -8.19
N GLU A 227 14.44 -10.29 -8.27
CA GLU A 227 15.77 -10.86 -8.03
C GLU A 227 16.82 -10.25 -8.93
N SER A 228 16.48 -10.02 -10.21
CA SER A 228 17.46 -9.53 -11.16
C SER A 228 17.72 -8.05 -11.01
N TYR A 229 16.81 -7.31 -10.37
CA TYR A 229 16.82 -5.86 -10.37
C TYR A 229 16.25 -5.45 -9.01
N PRO A 230 17.08 -5.61 -7.97
CA PRO A 230 16.56 -5.47 -6.59
CA PRO A 230 16.57 -5.48 -6.59
C PRO A 230 16.27 -4.04 -6.17
N TYR A 231 15.45 -3.94 -5.14
CA TYR A 231 14.97 -2.65 -4.66
C TYR A 231 16.02 -1.89 -3.86
N GLU A 232 16.21 -0.62 -4.22
CA GLU A 232 17.14 0.29 -3.56
C GLU A 232 16.48 1.45 -2.81
N ALA A 233 15.18 1.68 -2.97
CA ALA A 233 14.47 2.76 -2.27
C ALA A 233 15.00 4.15 -2.59
N THR A 234 15.67 4.27 -3.73
CA THR A 234 16.12 5.55 -4.27
CA THR A 234 16.13 5.54 -4.28
C THR A 234 16.01 5.46 -5.79
N GLU A 235 15.79 6.59 -6.44
CA GLU A 235 15.79 6.58 -7.90
CA GLU A 235 15.78 6.63 -7.90
C GLU A 235 17.21 6.59 -8.42
N GLU A 236 17.49 5.68 -9.34
CA GLU A 236 18.79 5.55 -9.98
C GLU A 236 18.62 5.50 -11.50
N SER A 237 19.73 5.43 -12.22
CA SER A 237 19.68 5.32 -13.67
C SER A 237 19.01 4.01 -14.08
N CYS A 238 18.31 4.06 -15.20
CA CYS A 238 17.64 2.85 -15.69
C CYS A 238 18.65 1.77 -16.06
N LYS A 239 18.41 0.55 -15.54
CA LYS A 239 19.23 -0.63 -15.77
C LYS A 239 18.42 -1.81 -16.28
N TYR A 240 17.26 -1.56 -16.91
CA TYR A 240 16.47 -2.66 -17.44
C TYR A 240 17.31 -3.52 -18.39
N ASN A 241 17.20 -4.84 -18.23
CA ASN A 241 17.95 -5.78 -19.03
C ASN A 241 16.93 -6.80 -19.59
N PRO A 242 16.76 -6.88 -20.91
CA PRO A 242 15.72 -7.77 -21.44
C PRO A 242 15.97 -9.22 -21.13
N LYS A 243 17.25 -9.61 -20.99
CA LYS A 243 17.60 -10.96 -20.59
CA LYS A 243 17.58 -10.97 -20.60
C LYS A 243 16.83 -11.42 -19.36
N TYR A 244 16.54 -10.50 -18.42
CA TYR A 244 15.93 -10.81 -17.14
C TYR A 244 14.45 -10.48 -17.09
N SER A 245 13.83 -10.17 -18.22
CA SER A 245 12.42 -9.88 -18.24
C SER A 245 11.62 -11.14 -17.94
N VAL A 246 10.59 -11.02 -17.10
CA VAL A 246 9.78 -12.20 -16.79
C VAL A 246 8.30 -11.88 -16.94
N ALA A 247 7.98 -10.71 -17.47
CA ALA A 247 6.61 -10.24 -17.49
C ALA A 247 6.49 -9.23 -18.61
N ASN A 248 5.26 -9.00 -19.02
CA ASN A 248 4.91 -8.13 -20.13
C ASN A 248 3.45 -7.78 -19.91
N ASP A 249 2.97 -6.80 -20.66
CA ASP A 249 1.53 -6.59 -20.64
C ASP A 249 1.07 -6.06 -21.97
N THR A 250 -0.24 -6.13 -22.15
CA THR A 250 -0.91 -5.73 -23.38
C THR A 250 -1.73 -4.47 -23.17
N GLY A 251 -1.39 -3.67 -22.17
CA GLY A 251 -2.25 -2.57 -21.79
C GLY A 251 -2.87 -2.82 -20.44
N PHE A 252 -4.00 -2.15 -20.20
CA PHE A 252 -4.56 -2.13 -18.87
C PHE A 252 -6.03 -1.75 -18.93
N VAL A 253 -6.72 -1.99 -17.82
CA VAL A 253 -8.16 -1.77 -17.73
C VAL A 253 -8.43 -0.87 -16.53
N ASP A 254 -9.20 0.18 -16.75
CA ASP A 254 -9.62 1.06 -15.67
C ASP A 254 -11.01 0.67 -15.21
N ILE A 255 -11.18 0.60 -13.89
CA ILE A 255 -12.43 0.16 -13.29
C ILE A 255 -13.25 1.39 -12.93
N PRO A 256 -14.56 1.39 -13.19
CA PRO A 256 -15.38 2.54 -12.79
C PRO A 256 -15.33 2.75 -11.30
N LYS A 257 -15.61 3.99 -10.95
CA LYS A 257 -15.41 4.50 -9.60
C LYS A 257 -16.60 4.10 -8.72
N GLN A 258 -16.78 2.79 -8.59
CA GLN A 258 -17.90 2.22 -7.84
C GLN A 258 -17.41 0.98 -7.12
N GLU A 259 -17.77 0.86 -5.86
CA GLU A 259 -17.31 -0.28 -5.08
C GLU A 259 -17.96 -1.58 -5.55
N LYS A 260 -19.15 -1.50 -6.15
CA LYS A 260 -19.73 -2.73 -6.70
C LYS A 260 -18.91 -3.23 -7.90
N ALA A 261 -18.48 -2.32 -8.78
CA ALA A 261 -17.63 -2.71 -9.90
C ALA A 261 -16.30 -3.25 -9.42
N LEU A 262 -15.70 -2.59 -8.44
CA LEU A 262 -14.45 -3.05 -7.83
C LEU A 262 -14.60 -4.46 -7.28
N MET A 263 -15.73 -4.76 -6.65
CA MET A 263 -15.95 -6.09 -6.13
C MET A 263 -16.01 -7.09 -7.26
N LYS A 264 -16.74 -6.77 -8.32
CA LYS A 264 -16.81 -7.68 -9.44
C LYS A 264 -15.44 -7.90 -10.08
N ALA A 265 -14.64 -6.83 -10.18
CA ALA A 265 -13.29 -6.96 -10.72
C ALA A 265 -12.43 -7.84 -9.81
N VAL A 266 -12.45 -7.60 -8.51
CA VAL A 266 -11.64 -8.43 -7.63
C VAL A 266 -12.06 -9.89 -7.73
N ALA A 267 -13.36 -10.12 -7.77
CA ALA A 267 -13.89 -11.48 -7.85
C ALA A 267 -13.47 -12.22 -9.12
N THR A 268 -13.36 -11.53 -10.26
CA THR A 268 -13.21 -12.22 -11.54
C THR A 268 -11.82 -12.08 -12.15
N VAL A 269 -11.02 -11.11 -11.72
CA VAL A 269 -9.74 -10.79 -12.36
C VAL A 269 -8.56 -11.28 -11.53
N GLY A 270 -8.58 -11.00 -10.24
CA GLY A 270 -7.38 -11.11 -9.43
C GLY A 270 -7.16 -9.85 -8.62
N PRO A 271 -5.97 -9.73 -8.06
CA PRO A 271 -5.61 -8.52 -7.34
C PRO A 271 -5.70 -7.26 -8.21
N ILE A 272 -6.20 -6.18 -7.62
CA ILE A 272 -6.47 -4.91 -8.28
C ILE A 272 -5.65 -3.81 -7.64
N SER A 273 -5.01 -2.98 -8.46
CA SER A 273 -4.31 -1.78 -8.02
C SER A 273 -5.31 -0.67 -7.71
N VAL A 274 -5.17 -0.06 -6.54
CA VAL A 274 -6.04 1.02 -6.09
C VAL A 274 -5.19 2.07 -5.40
N ALA A 275 -5.75 3.28 -5.27
CA ALA A 275 -5.18 4.31 -4.41
C ALA A 275 -6.20 4.74 -3.36
N ILE A 276 -5.67 5.14 -2.20
CA ILE A 276 -6.46 5.47 -1.02
C ILE A 276 -5.92 6.73 -0.36
N ASP A 277 -6.77 7.32 0.46
CA ASP A 277 -6.38 8.33 1.45
C ASP A 277 -5.81 7.59 2.66
N ALA A 278 -4.49 7.53 2.74
CA ALA A 278 -3.76 6.92 3.84
C ALA A 278 -3.12 7.97 4.73
N GLY A 279 -3.46 9.24 4.51
CA GLY A 279 -2.76 10.34 5.13
C GLY A 279 -3.33 10.69 6.48
N HIS A 280 -3.47 9.67 7.34
CA HIS A 280 -3.93 9.87 8.70
C HIS A 280 -3.12 8.98 9.63
N GLU A 281 -2.83 9.49 10.83
CA GLU A 281 -2.00 8.72 11.75
C GLU A 281 -2.65 7.38 12.10
N SER A 282 -3.98 7.32 12.07
CA SER A 282 -4.68 6.06 12.36
C SER A 282 -4.31 4.95 11.39
N PHE A 283 -4.03 5.32 10.14
CA PHE A 283 -3.58 4.35 9.14
C PHE A 283 -2.08 4.12 9.30
N LEU A 284 -1.31 5.18 9.53
CA LEU A 284 0.14 5.03 9.64
C LEU A 284 0.47 3.98 10.70
N PHE A 285 -0.28 3.97 11.80
CA PHE A 285 -0.01 3.06 12.90
C PHE A 285 -1.05 1.97 13.03
N TYR A 286 -1.79 1.69 11.95
CA TYR A 286 -2.80 0.65 12.02
C TYR A 286 -2.18 -0.67 12.40
N LYS A 287 -2.91 -1.45 13.21
CA LYS A 287 -2.47 -2.76 13.65
C LYS A 287 -3.39 -3.90 13.26
N GLU A 288 -4.69 -3.83 13.58
CA GLU A 288 -5.57 -4.96 13.35
C GLU A 288 -7.02 -4.48 13.33
N GLY A 289 -7.88 -5.17 12.56
CA GLY A 289 -9.29 -4.86 12.54
C GLY A 289 -9.69 -4.17 11.26
N ILE A 290 -10.96 -3.78 11.19
CA ILE A 290 -11.46 -3.05 10.05
C ILE A 290 -11.12 -1.57 10.20
N TYR A 291 -10.36 -1.04 9.26
CA TYR A 291 -9.98 0.35 9.26
C TYR A 291 -11.14 1.22 8.80
N PHE A 292 -11.57 2.11 9.69
CA PHE A 292 -12.56 3.13 9.38
C PHE A 292 -12.13 4.44 10.04
N GLU A 293 -11.89 5.46 9.23
CA GLU A 293 -11.41 6.76 9.71
C GLU A 293 -12.39 7.85 9.32
N PRO A 294 -13.09 8.47 10.27
CA PRO A 294 -14.12 9.45 9.90
C PRO A 294 -13.61 10.58 9.04
N ASP A 295 -12.32 10.91 9.11
CA ASP A 295 -11.77 12.00 8.32
C ASP A 295 -11.30 11.56 6.93
N CYS A 296 -11.54 10.30 6.55
CA CYS A 296 -11.06 9.82 5.26
CA CYS A 296 -11.07 9.79 5.26
C CYS A 296 -11.82 10.46 4.10
N SER A 297 -11.08 10.81 3.05
CA SER A 297 -11.64 11.40 1.86
C SER A 297 -11.74 10.35 0.76
N SER A 298 -12.86 10.38 0.01
CA SER A 298 -13.00 9.61 -1.22
C SER A 298 -12.26 10.24 -2.37
N GLU A 299 -11.69 11.43 -2.14
CA GLU A 299 -10.68 12.05 -3.00
C GLU A 299 -9.45 12.25 -2.13
N ASP A 300 -8.56 13.18 -2.49
CA ASP A 300 -7.33 13.38 -1.71
C ASP A 300 -6.59 12.06 -1.50
N LEU A 301 -6.48 11.27 -2.55
CA LEU A 301 -5.76 10.00 -2.46
C LEU A 301 -4.27 10.26 -2.40
N ASP A 302 -3.55 9.43 -1.63
CA ASP A 302 -2.14 9.68 -1.46
C ASP A 302 -1.27 8.44 -1.36
N HIS A 303 -1.82 7.24 -1.50
CA HIS A 303 -1.08 6.02 -1.26
C HIS A 303 -1.68 4.92 -2.09
N ALA A 304 -0.85 4.24 -2.88
CA ALA A 304 -1.31 3.13 -3.68
C ALA A 304 -1.12 1.84 -2.92
N VAL A 305 -2.07 0.92 -3.09
CA VAL A 305 -2.06 -0.37 -2.41
C VAL A 305 -2.66 -1.40 -3.39
N LEU A 306 -2.89 -2.63 -2.92
CA LEU A 306 -3.36 -3.73 -3.78
C LEU A 306 -4.53 -4.45 -3.10
N VAL A 307 -5.69 -4.45 -3.74
CA VAL A 307 -6.82 -5.18 -3.19
C VAL A 307 -6.67 -6.64 -3.62
N VAL A 308 -6.53 -7.53 -2.64
CA VAL A 308 -6.37 -8.95 -2.89
C VAL A 308 -7.61 -9.76 -2.56
N GLY A 309 -8.66 -9.13 -2.05
CA GLY A 309 -9.87 -9.86 -1.76
C GLY A 309 -10.82 -8.99 -0.98
N TYR A 310 -11.86 -9.63 -0.44
CA TYR A 310 -12.86 -8.91 0.33
C TYR A 310 -13.62 -9.93 1.18
N GLY A 311 -14.35 -9.42 2.14
CA GLY A 311 -15.11 -10.30 2.98
C GLY A 311 -16.00 -9.53 3.92
N PHE A 312 -16.40 -10.23 4.96
CA PHE A 312 -17.35 -9.70 5.92
C PHE A 312 -16.96 -10.25 7.28
N GLU A 313 -16.72 -9.35 8.24
CA GLU A 313 -16.20 -9.79 9.53
C GLU A 313 -17.30 -10.43 10.37
N SER A 314 -18.52 -9.90 10.29
CA SER A 314 -19.64 -10.45 11.03
C SER A 314 -20.59 -11.14 10.06
N THR A 315 -21.77 -10.55 9.83
CA THR A 315 -22.79 -11.15 8.99
C THR A 315 -22.70 -10.52 7.60
N GLU A 316 -23.79 -9.94 7.13
CA GLU A 316 -23.74 -9.14 5.92
C GLU A 316 -24.44 -7.81 6.18
N ASP A 318 -24.61 -4.88 6.48
CA ASP A 318 -24.02 -3.72 5.81
C ASP A 318 -22.92 -3.09 6.67
N ASN A 319 -22.78 -3.57 7.91
CA ASN A 319 -21.92 -2.88 8.87
C ASN A 319 -20.45 -3.23 8.68
N ASN A 320 -20.13 -4.53 8.62
CA ASN A 320 -18.76 -4.94 8.84
C ASN A 320 -18.13 -5.68 7.66
N LYS A 321 -18.30 -5.14 6.45
CA LYS A 321 -17.67 -5.67 5.26
CA LYS A 321 -17.65 -5.68 5.28
C LYS A 321 -16.29 -5.03 5.11
N TYR A 322 -15.38 -5.75 4.45
CA TYR A 322 -14.03 -5.22 4.28
C TYR A 322 -13.41 -5.62 2.95
N TRP A 323 -12.53 -4.77 2.47
CA TRP A 323 -11.56 -5.09 1.44
C TRP A 323 -10.29 -5.58 2.10
N LEU A 324 -9.72 -6.65 1.55
CA LEU A 324 -8.43 -7.14 2.01
CA LEU A 324 -8.42 -7.16 2.00
C LEU A 324 -7.35 -6.52 1.15
N VAL A 325 -6.45 -5.79 1.79
CA VAL A 325 -5.53 -4.88 1.11
C VAL A 325 -4.10 -5.19 1.53
N LYS A 326 -3.26 -5.39 0.52
CA LYS A 326 -1.84 -5.59 0.69
C LYS A 326 -1.15 -4.25 0.60
N ASN A 327 -0.36 -3.93 1.64
CA ASN A 327 0.43 -2.73 1.67
C ASN A 327 1.87 -3.06 1.39
N SER A 328 2.66 -2.01 1.27
CA SER A 328 4.08 -2.10 0.98
C SER A 328 4.91 -1.39 2.03
N TRP A 329 4.52 -1.56 3.29
CA TRP A 329 5.24 -1.02 4.45
C TRP A 329 5.86 -2.12 5.30
N GLY A 330 6.07 -3.30 4.73
CA GLY A 330 6.63 -4.43 5.45
C GLY A 330 5.60 -5.22 6.26
N GLU A 331 6.05 -6.38 6.74
CA GLU A 331 5.17 -7.26 7.51
C GLU A 331 4.95 -6.75 8.92
N GLU A 332 5.79 -5.85 9.41
CA GLU A 332 5.60 -5.32 10.76
C GLU A 332 4.35 -4.46 10.85
N TRP A 333 3.93 -3.85 9.75
CA TRP A 333 2.80 -2.95 9.76
C TRP A 333 1.51 -3.74 9.63
N GLY A 334 0.46 -3.24 10.26
CA GLY A 334 -0.81 -3.91 10.12
C GLY A 334 -0.79 -5.38 10.46
N MET A 335 -1.58 -6.13 9.70
CA MET A 335 -1.80 -7.56 9.93
C MET A 335 -0.87 -8.31 8.98
N GLY A 336 0.37 -8.49 9.41
CA GLY A 336 1.37 -9.06 8.52
C GLY A 336 1.58 -8.27 7.25
N GLY A 337 1.35 -6.95 7.29
CA GLY A 337 1.48 -6.12 6.10
C GLY A 337 0.17 -5.83 5.39
N TYR A 338 -0.93 -6.44 5.83
CA TYR A 338 -2.25 -6.25 5.26
C TYR A 338 -3.15 -5.39 6.16
N VAL A 339 -4.16 -4.79 5.54
CA VAL A 339 -5.18 -4.02 6.27
C VAL A 339 -6.55 -4.39 5.75
N LYS A 340 -7.53 -4.53 6.65
CA LYS A 340 -8.91 -4.67 6.22
C LYS A 340 -9.50 -3.28 6.18
N MET A 341 -9.92 -2.83 5.01
CA MET A 341 -10.49 -1.51 4.87
CA MET A 341 -10.47 -1.50 4.78
C MET A 341 -12.00 -1.60 4.70
N ALA A 342 -12.70 -0.69 5.35
CA ALA A 342 -14.15 -0.69 5.31
C ALA A 342 -14.67 -0.70 3.86
N LYS A 343 -15.59 -1.63 3.58
CA LYS A 343 -16.18 -1.83 2.27
C LYS A 343 -17.67 -1.52 2.28
N ASP A 344 -18.15 -0.91 1.19
CA ASP A 344 -19.55 -0.55 1.01
C ASP A 344 -20.02 0.46 2.05
N ARG A 345 -19.09 1.34 2.45
CA ARG A 345 -19.39 2.48 3.32
C ARG A 345 -19.08 3.77 2.56
N ARG A 346 -19.77 3.99 1.44
CA ARG A 346 -19.63 5.20 0.64
C ARG A 346 -18.18 5.42 0.18
N ASN A 347 -17.60 4.37 -0.37
CA ASN A 347 -16.27 4.45 -0.97
C ASN A 347 -15.26 5.01 0.03
N HIS A 348 -15.19 4.35 1.18
CA HIS A 348 -14.42 4.87 2.29
C HIS A 348 -12.95 4.97 1.92
N CYS A 349 -12.36 6.14 2.18
CA CYS A 349 -10.98 6.46 1.85
CA CYS A 349 -10.98 6.44 1.86
C CYS A 349 -10.68 6.37 0.35
N GLY A 350 -11.71 6.37 -0.48
CA GLY A 350 -11.51 6.39 -1.93
C GLY A 350 -11.01 5.11 -2.56
N ILE A 351 -11.25 3.95 -1.94
CA ILE A 351 -10.66 2.70 -2.40
C ILE A 351 -11.06 2.39 -3.84
N ALA A 352 -12.25 2.82 -4.25
CA ALA A 352 -12.72 2.57 -5.60
C ALA A 352 -12.47 3.72 -6.57
N SER A 353 -11.81 4.78 -6.15
CA SER A 353 -11.69 5.98 -6.98
C SER A 353 -10.59 5.93 -8.03
N LEU A 354 -9.63 5.01 -7.93
CA LEU A 354 -8.54 4.96 -8.92
C LEU A 354 -8.06 3.51 -9.05
N ALA A 355 -8.92 2.65 -9.60
CA ALA A 355 -8.68 1.21 -9.59
C ALA A 355 -8.44 0.73 -11.02
N SER A 356 -7.44 -0.15 -11.18
CA SER A 356 -7.03 -0.61 -12.50
C SER A 356 -6.21 -1.88 -12.34
N TYR A 357 -5.98 -2.53 -13.47
CA TYR A 357 -5.16 -3.74 -13.53
C TYR A 357 -4.59 -3.87 -14.95
N PRO A 358 -3.48 -4.57 -15.11
CA PRO A 358 -2.88 -4.77 -16.44
C PRO A 358 -3.48 -6.00 -17.07
N THR A 359 -3.56 -5.99 -18.40
CA THR A 359 -3.96 -7.16 -19.18
C THR A 359 -2.69 -7.80 -19.74
N VAL A 360 -2.60 -9.12 -19.64
CA VAL A 360 -1.35 -9.78 -20.02
C VAL A 360 -1.63 -10.78 -21.12
C1 GOL B . 6.33 -22.26 -9.78
O1 GOL B . 5.47 -22.65 -10.80
C2 GOL B . 5.56 -21.19 -8.89
O2 GOL B . 5.61 -19.91 -9.43
C3 GOL B . 4.09 -21.68 -8.77
O3 GOL B . 3.44 -20.71 -7.99
H11 GOL B . 6.61 -22.99 -9.21
H12 GOL B . 7.14 -21.86 -10.12
H2 GOL B . 5.96 -21.13 -8.02
H31 GOL B . 3.72 -21.79 -9.66
H32 GOL B . 4.08 -22.55 -8.36
HO3 GOL B . 3.75 -19.95 -8.21
C1 EOH C . -23.32 1.71 -0.56
C2 EOH C . -22.41 2.52 0.34
O EOH C . -23.01 0.34 -0.46
H11 EOH C . -24.36 1.87 -0.27
H12 EOH C . -23.21 2.03 -1.59
H21 EOH C . -21.37 2.36 0.05
H22 EOH C . -22.54 2.19 1.38
H23 EOH C . -22.65 3.57 0.26
HO EOH C . -23.30 -0.01 0.41
C1 EOH D . 4.16 12.50 -9.04
C2 EOH D . 2.68 12.41 -9.36
O EOH D . 4.64 13.82 -9.07
H11 EOH D . 4.35 12.07 -8.05
H12 EOH D . 4.72 11.90 -9.76
H21 EOH D . 2.50 12.81 -10.35
H22 EOH D . 2.36 11.37 -9.31
H23 EOH D . 2.12 12.99 -8.62
HO EOH D . 5.61 13.82 -8.94
C1 EOH E . -26.79 -10.59 -21.70
C2 EOH E . -27.93 -11.28 -22.45
O EOH E . -26.47 -9.30 -22.20
H11 EOH E . -27.06 -10.51 -20.64
H12 EOH E . -25.90 -11.22 -21.75
H21 EOH E . -27.66 -11.40 -23.50
H22 EOH E . -28.83 -10.68 -22.37
H23 EOH E . -28.11 -12.26 -22.01
HO EOH E . -26.75 -9.25 -23.14
C1 EOH F . -9.02 -6.54 -22.25
C2 EOH F . -8.16 -7.55 -23.01
O EOH F . -9.70 -7.15 -21.17
H11 EOH F . -8.39 -5.73 -21.87
H12 EOH F . -9.75 -6.10 -22.93
H21 EOH F . -8.80 -8.34 -23.41
H22 EOH F . -7.42 -7.97 -22.34
H23 EOH F . -7.66 -7.04 -23.83
HO EOH F . -10.32 -6.51 -20.77
C1 EOH G . 14.49 2.75 3.33
C2 EOH G . 14.72 1.42 2.64
O EOH G . 14.56 3.83 2.44
H11 EOH G . 13.52 2.74 3.83
H12 EOH G . 15.25 2.87 4.11
H21 EOH G . 15.69 1.41 2.17
H22 EOH G . 13.94 1.28 1.88
H23 EOH G . 14.65 0.61 3.37
HO EOH G . 15.46 3.88 2.05
C1 EOH H . 11.63 10.45 -13.29
C2 EOH H . 10.79 11.42 -14.11
O EOH H . 11.05 9.17 -13.18
H11 EOH H . 12.62 10.35 -13.74
H12 EOH H . 11.76 10.86 -12.28
H21 EOH H . 9.81 11.54 -13.66
H22 EOH H . 10.68 11.03 -15.12
H23 EOH H . 11.29 12.38 -14.16
HO EOH H . 11.75 8.49 -13.22
C1 EOH I . 2.87 11.33 13.16
C2 EOH I . 1.72 10.81 14.00
O EOH I . 2.76 12.72 12.97
H11 EOH I . 3.81 11.09 13.64
H12 EOH I . 2.86 10.83 12.18
H21 EOH I . 0.77 11.03 13.50
H22 EOH I . 1.74 11.30 14.98
H23 EOH I . 1.82 9.73 14.13
HO EOH I . 2.73 12.92 12.02
C1 EOH J . 17.33 0.06 -20.77
C2 EOH J . 16.17 0.99 -20.48
O EOH J . 18.18 -0.19 -19.66
H11 EOH J . 16.94 -0.89 -21.13
H12 EOH J . 17.92 0.49 -21.57
H21 EOH J . 16.55 1.96 -20.15
H22 EOH J . 15.55 0.57 -19.69
H23 EOH J . 15.57 1.12 -21.39
HO EOH J . 18.75 -0.95 -19.85
C1 EOH K . 12.41 15.30 31.46
C2 EOH K . 11.31 15.56 32.49
O EOH K . 12.83 13.96 31.44
H11 EOH K . 12.03 15.57 30.47
H12 EOH K . 13.25 15.94 31.67
H21 EOH K . 11.68 15.32 33.48
H22 EOH K . 10.45 14.94 32.26
H23 EOH K . 11.02 16.62 32.46
HO EOH K . 13.62 13.86 32.02
C1 EOH L . 17.12 8.55 26.28
C2 EOH L . 18.30 7.75 25.76
O EOH L . 16.88 9.72 25.53
H11 EOH L . 16.22 7.92 26.25
H12 EOH L . 17.29 8.81 27.32
H21 EOH L . 19.20 8.37 25.80
H22 EOH L . 18.12 7.47 24.72
H23 EOH L . 18.44 6.86 26.36
HO EOH L . 16.29 10.32 26.04
C1 EOH M . 10.17 -10.04 -3.14
C2 EOH M . 10.37 -11.54 -3.11
O EOH M . 10.62 -9.41 -4.31
H11 EOH M . 9.10 -9.83 -3.03
H12 EOH M . 10.67 -9.59 -2.29
H21 EOH M . 11.42 -11.76 -3.18
H22 EOH M . 9.83 -12.00 -3.93
H23 EOH M . 9.97 -11.93 -2.16
HO EOH M . 10.23 -8.52 -4.38
C1 EOH N . 10.94 -4.54 -2.95
C2 EOH N . 11.17 -5.89 -2.30
O EOH N . 11.12 -4.56 -4.35
H11 EOH N . 9.94 -4.20 -2.72
H12 EOH N . 11.64 -3.83 -2.51
H21 EOH N . 12.19 -6.22 -2.51
H22 EOH N . 10.46 -6.61 -2.73
H23 EOH N . 11.02 -5.82 -1.23
HO EOH N . 10.59 -3.85 -4.76
C1 PEG O . 0.77 -11.62 -25.99
O1 PEG O . 1.35 -11.46 -27.25
C2 PEG O . 0.90 -10.31 -25.21
O2 PEG O . 2.24 -10.02 -24.92
C3 PEG O . 2.54 -8.71 -24.52
C4 PEG O . 2.44 -7.71 -25.67
O4 PEG O . 2.70 -6.43 -25.18
H11 PEG O . -0.16 -11.84 -26.09
H12 PEG O . 1.23 -12.33 -25.52
HO1 PEG O . 0.77 -11.63 -27.85
H21 PEG O . 0.52 -9.59 -25.74
H22 PEG O . 0.40 -10.39 -24.38
H31 PEG O . 1.91 -8.45 -23.83
H32 PEG O . 3.44 -8.68 -24.16
H41 PEG O . 3.09 -7.93 -26.36
H42 PEG O . 1.55 -7.73 -26.05
HO4 PEG O . 1.97 -6.08 -24.88
C1 EDO P . 15.38 -1.54 0.83
O1 EDO P . 16.05 -0.76 1.81
C2 EDO P . 16.22 -1.61 -0.41
O2 EDO P . 17.62 -1.68 -0.07
H11 EDO P . 15.22 -2.56 1.22
H12 EDO P . 14.42 -1.11 0.60
HO1 EDO P . 15.51 -0.71 2.61
H21 EDO P . 15.95 -2.49 -1.00
H22 EDO P . 16.04 -0.73 -1.03
HO2 EDO P . 18.15 -1.72 -0.88
C1 PGE Q . 3.21 6.08 -0.36
O1 PGE Q . 1.91 6.44 -0.79
C2 PGE Q . 4.26 6.20 -1.44
O2 PGE Q . 4.10 7.15 -2.44
C3 PGE Q . 3.12 6.84 -3.38
C4 PGE Q . 3.26 7.87 -4.43
O4 PGE Q . 0.44 10.06 -6.19
C6 PGE Q . 1.18 9.24 -7.01
C5 PGE Q . 2.34 8.62 -6.26
O3 PGE Q . 2.01 8.12 -5.00
H1 PGE Q . 3.53 6.72 0.48
H12 PGE Q . 3.22 5.04 0.01
HO1 PGE Q . 1.53 7.04 -0.14
H2 PGE Q . 5.23 6.37 -0.95
H22 PGE Q . 4.34 5.19 -1.91
H3 PGE Q . 3.26 5.83 -3.81
H32 PGE Q . 2.10 6.89 -2.95
H4 PGE Q . 3.68 8.79 -3.99
H42 PGE Q . 3.98 7.51 -5.19
HO4 PGE Q . -0.28 10.43 -6.70
H6 PGE Q . 1.60 9.79 -7.87
H62 PGE Q . 0.58 8.41 -7.42
H5 PGE Q . 3.12 9.39 -6.16
H52 PGE Q . 2.76 7.82 -6.88
#